data_4GS4
#
_entry.id   4GS4
#
_cell.length_a   97.931
_cell.length_b   130.668
_cell.length_c   37.423
_cell.angle_alpha   90.00
_cell.angle_beta   90.00
_cell.angle_gamma   90.00
#
_symmetry.space_group_name_H-M   'C 2 2 2'
#
loop_
_entity.id
_entity.type
_entity.pdbx_description
1 polymer 'Alpha-tubulin N-acetyltransferase'
2 non-polymer 'ACETYL COENZYME *A'
3 water water
#
_entity_poly.entity_id   1
_entity_poly.type   'polypeptide(L)'
_entity_poly.pdbx_seq_one_letter_code
;GPLGSEFPFDVDALFPERITVLDQHLRPPARRPGTTTPARVDLQQQI(MSE)TIIDELGKASAKAQNLSAPITSASR
(MSE)QSNRHVVYILKDSSARPAGKGAIIGFIKVGYKKLFVLDDREAHNEVEPLCILDFYIHESVQRHGHGRELFQY
(MSE)LQKERVEPHQLAIDRPSQKLLKFLNKHYNLETTVPQVNNFVIFEGFFAHQHRPPAPSLRATRHSRAAAVDPTPAA
PARKLPPKRAEGDIKPYS
;
_entity_poly.pdbx_strand_id   A
#
loop_
_chem_comp.id
_chem_comp.type
_chem_comp.name
_chem_comp.formula
ACO non-polymer 'ACETYL COENZYME *A' 'C23 H38 N7 O17 P3 S'
#
# COMPACT_ATOMS: atom_id res chain seq x y z
N PHE A 7 0.15 7.11 20.30
CA PHE A 7 1.23 8.09 20.25
C PHE A 7 1.11 9.10 21.41
N PRO A 8 2.20 9.85 21.69
CA PRO A 8 2.10 10.91 22.71
C PRO A 8 1.73 12.28 22.11
N PHE A 9 1.00 12.31 21.00
CA PHE A 9 0.71 13.57 20.32
C PHE A 9 -0.76 13.77 19.91
N ASP A 10 -1.10 15.00 19.54
CA ASP A 10 -2.44 15.31 19.03
C ASP A 10 -2.54 14.87 17.56
N VAL A 11 -2.84 13.58 17.35
CA VAL A 11 -2.96 13.00 16.01
C VAL A 11 -4.00 13.72 15.15
N ASP A 12 -5.14 14.06 15.74
CA ASP A 12 -6.21 14.74 15.01
C ASP A 12 -5.83 16.17 14.60
N ALA A 13 -4.97 16.83 15.37
CA ALA A 13 -4.46 18.15 15.01
C ALA A 13 -3.55 18.04 13.79
N LEU A 14 -2.73 17.00 13.78
CA LEU A 14 -1.81 16.73 12.67
C LEU A 14 -2.58 16.22 11.45
N PHE A 15 -3.48 15.27 11.69
CA PHE A 15 -4.31 14.70 10.63
C PHE A 15 -5.79 15.01 10.89
N PRO A 16 -6.29 16.12 10.35
CA PRO A 16 -7.71 16.43 10.48
C PRO A 16 -8.59 15.45 9.73
N GLU A 17 -8.15 15.03 8.55
CA GLU A 17 -8.94 14.17 7.68
C GLU A 17 -8.88 12.69 8.09
N ARG A 18 -9.90 11.94 7.69
CA ARG A 18 -9.97 10.51 7.96
C ARG A 18 -8.83 9.77 7.29
N ILE A 19 -8.66 10.00 5.99
CA ILE A 19 -7.53 9.44 5.25
C ILE A 19 -6.58 10.55 4.80
N THR A 20 -5.34 10.50 5.29
CA THR A 20 -4.33 11.47 4.90
C THR A 20 -3.41 10.88 3.82
N VAL A 21 -3.22 11.62 2.74
CA VAL A 21 -2.34 11.18 1.65
C VAL A 21 -0.99 11.87 1.78
N LEU A 22 0.06 11.08 1.95
CA LEU A 22 1.41 11.62 2.13
C LEU A 22 2.38 11.01 1.11
N ASP A 23 3.51 11.69 0.89
CA ASP A 23 4.52 11.21 -0.03
C ASP A 23 5.93 11.43 0.51
N GLN A 24 6.92 11.34 -0.38
CA GLN A 24 8.34 11.52 -0.06
C GLN A 24 8.59 12.79 0.75
N HIS A 25 7.82 13.82 0.44
CA HIS A 25 7.72 14.96 1.32
C HIS A 25 6.59 14.66 2.27
N LEU A 26 6.93 14.29 3.49
CA LEU A 26 5.91 14.22 4.51
C LEU A 26 5.43 15.65 4.72
N ARG A 27 4.67 16.16 3.75
CA ARG A 27 4.19 17.53 3.83
C ARG A 27 2.82 17.55 4.51
N PRO A 28 2.80 18.01 5.77
CA PRO A 28 1.65 18.03 6.66
C PRO A 28 0.42 18.63 5.98
N PRO A 29 -0.78 18.12 6.32
CA PRO A 29 -2.03 18.53 5.68
C PRO A 29 -2.37 19.99 5.96
N VAL A 41 7.35 22.84 11.79
CA VAL A 41 7.68 21.62 11.05
C VAL A 41 8.18 20.53 12.00
N ASP A 42 8.36 20.90 13.27
CA ASP A 42 8.62 19.91 14.33
C ASP A 42 7.36 19.06 14.59
N LEU A 43 6.58 18.89 13.51
CA LEU A 43 5.46 17.96 13.43
C LEU A 43 5.58 17.16 12.13
N GLN A 44 6.44 17.64 11.23
CA GLN A 44 6.85 16.86 10.07
C GLN A 44 7.71 15.73 10.62
N GLN A 45 8.24 15.95 11.82
CA GLN A 45 8.94 14.92 12.58
C GLN A 45 7.92 14.06 13.34
N GLN A 46 6.76 14.64 13.63
CA GLN A 46 5.67 13.86 14.23
C GLN A 46 5.12 12.87 13.20
N ILE A 47 5.02 13.31 11.95
CA ILE A 47 4.63 12.43 10.85
C ILE A 47 5.59 11.24 10.75
N MSE A 48 6.89 11.53 10.85
CA MSE A 48 7.95 10.52 10.81
C MSE A 48 7.72 9.40 11.83
O MSE A 48 7.63 8.23 11.46
CB MSE A 48 9.31 11.16 11.09
CG MSE A 48 9.74 12.21 10.09
SE MSE A 48 11.59 12.79 10.36
CE MSE A 48 12.01 13.36 8.56
N THR A 49 7.62 9.78 13.11
CA THR A 49 7.41 8.84 14.20
C THR A 49 6.21 7.94 13.94
N ILE A 50 5.18 8.50 13.30
CA ILE A 50 3.99 7.76 12.92
C ILE A 50 4.28 6.72 11.83
N ILE A 51 4.90 7.16 10.74
CA ILE A 51 5.28 6.27 9.65
C ILE A 51 6.20 5.16 10.18
N ASP A 52 7.14 5.55 11.03
CA ASP A 52 8.11 4.61 11.60
C ASP A 52 7.43 3.54 12.46
N GLU A 53 6.48 3.93 13.29
CA GLU A 53 5.74 2.98 14.11
C GLU A 53 4.77 2.13 13.29
N LEU A 54 4.09 2.76 12.34
CA LEU A 54 3.16 2.05 11.44
C LEU A 54 3.87 0.94 10.67
N GLY A 55 5.05 1.26 10.15
CA GLY A 55 5.82 0.32 9.37
C GLY A 55 6.27 -0.89 10.18
N LYS A 56 6.64 -0.65 11.43
CA LYS A 56 7.08 -1.72 12.33
C LYS A 56 5.91 -2.61 12.72
N ALA A 57 4.75 -2.00 12.89
CA ALA A 57 3.53 -2.73 13.21
C ALA A 57 3.12 -3.64 12.06
N SER A 58 3.26 -3.14 10.84
CA SER A 58 2.99 -3.95 9.65
C SER A 58 3.98 -5.10 9.54
N ALA A 59 5.22 -4.84 9.93
CA ALA A 59 6.27 -5.85 9.91
C ALA A 59 5.95 -7.00 10.86
N LYS A 60 5.56 -6.66 12.08
CA LYS A 60 5.18 -7.67 13.08
C LYS A 60 3.98 -8.47 12.61
N ALA A 61 3.02 -7.79 12.00
CA ALA A 61 1.83 -8.43 11.48
C ALA A 61 2.16 -9.38 10.33
N GLN A 62 3.16 -9.03 9.54
CA GLN A 62 3.55 -9.84 8.39
C GLN A 62 4.70 -10.79 8.69
N ASN A 63 5.08 -10.88 9.96
CA ASN A 63 6.21 -11.72 10.37
C ASN A 63 7.49 -11.37 9.63
N LEU A 64 7.74 -10.07 9.49
CA LEU A 64 8.96 -9.59 8.84
C LEU A 64 10.01 -9.23 9.89
N SER A 65 11.27 -9.58 9.60
CA SER A 65 12.38 -9.26 10.49
C SER A 65 12.70 -7.77 10.50
N ALA A 66 12.32 -7.10 9.42
CA ALA A 66 12.54 -5.66 9.26
C ALA A 66 11.38 -5.01 8.52
N PRO A 67 11.01 -3.78 8.91
CA PRO A 67 9.93 -3.05 8.23
C PRO A 67 10.31 -2.72 6.79
N ILE A 68 9.30 -2.68 5.92
CA ILE A 68 9.50 -2.30 4.52
C ILE A 68 8.92 -0.90 4.31
N THR A 69 8.45 -0.32 5.40
CA THR A 69 7.94 1.05 5.41
C THR A 69 8.50 1.82 6.60
N SER A 70 9.11 2.97 6.32
CA SER A 70 9.66 3.84 7.36
C SER A 70 9.73 5.27 6.84
N ALA A 71 10.07 6.19 7.72
CA ALA A 71 10.23 7.59 7.32
C ALA A 71 11.44 7.76 6.42
N SER A 72 12.57 7.21 6.87
CA SER A 72 13.82 7.26 6.11
C SER A 72 13.65 6.77 4.67
N ARG A 73 12.81 5.75 4.49
CA ARG A 73 12.63 5.11 3.19
C ARG A 73 11.60 5.82 2.32
N MSE A 74 10.54 6.33 2.94
CA MSE A 74 9.54 7.12 2.23
C MSE A 74 10.18 8.34 1.61
O MSE A 74 9.82 8.75 0.51
CB MSE A 74 8.40 7.53 3.18
CG MSE A 74 7.31 6.48 3.34
SE MSE A 74 6.17 6.33 1.77
CE MSE A 74 5.50 8.16 1.74
N GLN A 75 11.15 8.92 2.33
CA GLN A 75 11.88 10.08 1.83
C GLN A 75 12.79 9.71 0.66
N SER A 76 13.30 8.48 0.68
CA SER A 76 14.27 8.04 -0.31
C SER A 76 13.63 7.40 -1.54
N ASN A 77 12.30 7.42 -1.60
CA ASN A 77 11.56 6.82 -2.70
C ASN A 77 10.49 7.72 -3.32
N ARG A 78 9.78 7.16 -4.29
CA ARG A 78 8.62 7.79 -4.93
C ARG A 78 7.38 6.99 -4.50
N HIS A 79 7.21 6.83 -3.20
CA HIS A 79 6.09 6.07 -2.65
C HIS A 79 5.04 6.99 -2.03
N VAL A 80 3.79 6.56 -2.09
CA VAL A 80 2.69 7.31 -1.48
C VAL A 80 2.06 6.48 -0.38
N VAL A 81 1.87 7.08 0.79
CA VAL A 81 1.18 6.40 1.89
C VAL A 81 -0.17 7.06 2.17
N TYR A 82 -1.20 6.23 2.28
CA TYR A 82 -2.54 6.69 2.65
C TYR A 82 -2.78 6.25 4.09
N ILE A 83 -2.75 7.19 5.03
CA ILE A 83 -2.90 6.87 6.45
C ILE A 83 -4.35 7.02 6.91
N LEU A 84 -4.90 5.93 7.46
CA LEU A 84 -6.29 5.97 7.96
C LEU A 84 -6.35 6.27 9.45
N LYS A 85 -7.24 7.21 9.79
CA LYS A 85 -7.48 7.63 11.16
C LYS A 85 -9.00 7.56 11.35
N ASP A 86 -9.47 7.70 12.58
CA ASP A 86 -10.90 7.84 12.83
C ASP A 86 -11.18 8.60 14.13
N SER A 87 -12.43 9.01 14.31
CA SER A 87 -12.87 9.73 15.51
C SER A 87 -13.87 8.89 16.30
N ALA A 96 -5.03 8.27 17.26
CA ALA A 96 -5.31 6.86 17.02
C ALA A 96 -5.29 6.56 15.52
N ILE A 97 -4.19 5.99 15.04
CA ILE A 97 -4.08 5.61 13.64
C ILE A 97 -4.52 4.16 13.45
N ILE A 98 -5.49 3.94 12.57
CA ILE A 98 -6.04 2.62 12.33
C ILE A 98 -5.14 1.75 11.44
N GLY A 99 -4.65 2.34 10.34
CA GLY A 99 -3.72 1.64 9.48
C GLY A 99 -3.28 2.45 8.29
N PHE A 100 -2.69 1.77 7.30
CA PHE A 100 -2.21 2.45 6.11
C PHE A 100 -2.15 1.52 4.91
N ILE A 101 -1.94 2.12 3.74
CA ILE A 101 -1.57 1.39 2.53
C ILE A 101 -0.53 2.22 1.79
N LYS A 102 0.54 1.57 1.35
CA LYS A 102 1.62 2.25 0.65
C LYS A 102 1.70 1.80 -0.80
N VAL A 103 1.72 2.75 -1.72
CA VAL A 103 1.78 2.42 -3.14
C VAL A 103 2.91 3.14 -3.85
N GLY A 104 3.16 2.73 -5.09
CA GLY A 104 4.15 3.39 -5.91
C GLY A 104 4.25 2.75 -7.27
N TYR A 105 4.67 3.54 -8.26
CA TYR A 105 4.95 3.00 -9.58
C TYR A 105 6.35 2.42 -9.58
N LYS A 106 6.49 1.24 -10.18
CA LYS A 106 7.77 0.56 -10.22
C LYS A 106 8.01 -0.09 -11.58
N LYS A 107 9.22 0.05 -12.09
CA LYS A 107 9.61 -0.64 -13.31
C LYS A 107 9.79 -2.12 -13.00
N LEU A 108 8.88 -2.93 -13.53
CA LEU A 108 8.97 -4.37 -13.39
C LEU A 108 9.10 -5.00 -14.77
N PHE A 109 9.94 -6.02 -14.86
CA PHE A 109 10.02 -6.80 -16.10
C PHE A 109 9.16 -8.04 -15.94
N VAL A 110 7.94 -7.94 -16.45
CA VAL A 110 6.87 -8.88 -16.13
C VAL A 110 6.76 -10.06 -17.09
N LEU A 111 6.73 -11.25 -16.51
CA LEU A 111 6.52 -12.48 -17.26
C LEU A 111 5.07 -12.58 -17.71
N ASP A 112 4.85 -12.85 -18.99
CA ASP A 112 3.49 -13.09 -19.47
C ASP A 112 3.20 -14.58 -19.64
N ASP A 113 2.07 -14.89 -20.27
CA ASP A 113 1.62 -16.27 -20.46
C ASP A 113 2.41 -17.01 -21.54
N ARG A 114 3.29 -16.31 -22.23
CA ARG A 114 4.10 -16.91 -23.29
C ARG A 114 5.56 -16.96 -22.88
N GLU A 115 5.80 -16.96 -21.57
CA GLU A 115 7.15 -16.99 -21.00
C GLU A 115 8.02 -15.81 -21.48
N ALA A 116 7.36 -14.73 -21.91
CA ALA A 116 8.06 -13.54 -22.37
C ALA A 116 8.08 -12.47 -21.28
N HIS A 117 9.22 -11.80 -21.13
CA HIS A 117 9.35 -10.75 -20.14
C HIS A 117 9.16 -9.37 -20.77
N ASN A 118 8.32 -8.55 -20.17
CA ASN A 118 8.02 -7.23 -20.73
C ASN A 118 8.21 -6.13 -19.69
N GLU A 119 8.83 -5.02 -20.11
CA GLU A 119 8.98 -3.89 -19.22
C GLU A 119 7.66 -3.15 -19.08
N VAL A 120 7.21 -2.97 -17.84
CA VAL A 120 6.02 -2.19 -17.56
C VAL A 120 6.28 -1.33 -16.32
N GLU A 121 5.40 -0.35 -16.10
CA GLU A 121 5.51 0.48 -14.91
C GLU A 121 4.13 0.62 -14.26
N PRO A 122 3.60 -0.47 -13.72
CA PRO A 122 2.26 -0.46 -13.13
C PRO A 122 2.28 0.20 -11.76
N LEU A 123 1.10 0.52 -11.24
CA LEU A 123 0.99 0.95 -9.85
C LEU A 123 1.05 -0.27 -8.95
N CYS A 124 1.90 -0.22 -7.93
CA CYS A 124 2.13 -1.38 -7.08
C CYS A 124 1.67 -1.15 -5.64
N ILE A 125 1.10 -2.19 -5.03
CA ILE A 125 0.81 -2.18 -3.60
C ILE A 125 2.05 -2.73 -2.89
N LEU A 126 2.66 -1.90 -2.04
CA LEU A 126 3.93 -2.26 -1.42
C LEU A 126 3.77 -2.67 0.03
N ASP A 127 2.93 -1.94 0.75
CA ASP A 127 2.60 -2.28 2.13
C ASP A 127 1.14 -1.97 2.39
N PHE A 128 0.54 -2.69 3.33
CA PHE A 128 -0.89 -2.61 3.59
C PHE A 128 -1.15 -3.20 4.96
N TYR A 129 -1.61 -2.36 5.89
CA TYR A 129 -1.78 -2.82 7.27
C TYR A 129 -2.99 -2.19 7.95
N ILE A 130 -3.80 -3.04 8.56
CA ILE A 130 -4.88 -2.59 9.42
C ILE A 130 -4.62 -3.17 10.81
N HIS A 131 -4.64 -2.31 11.83
CA HIS A 131 -4.36 -2.74 13.20
C HIS A 131 -5.21 -3.95 13.58
N GLU A 132 -4.58 -4.90 14.29
CA GLU A 132 -5.21 -6.20 14.56
C GLU A 132 -6.57 -6.12 15.24
N SER A 133 -6.74 -5.19 16.17
CA SER A 133 -7.99 -5.05 16.92
C SER A 133 -9.19 -4.76 16.02
N VAL A 134 -8.93 -4.09 14.90
CA VAL A 134 -10.02 -3.68 14.00
C VAL A 134 -9.89 -4.25 12.59
N GLN A 135 -9.11 -5.31 12.43
CA GLN A 135 -9.08 -6.04 11.17
C GLN A 135 -10.44 -6.67 10.93
N ARG A 136 -10.78 -6.85 9.66
CA ARG A 136 -12.04 -7.48 9.26
C ARG A 136 -13.27 -6.68 9.68
N HIS A 137 -13.17 -5.36 9.66
CA HIS A 137 -14.31 -4.49 9.93
C HIS A 137 -14.63 -3.65 8.69
N GLY A 138 -13.88 -3.88 7.62
CA GLY A 138 -14.09 -3.16 6.37
C GLY A 138 -13.20 -1.95 6.18
N HIS A 139 -12.25 -1.76 7.10
CA HIS A 139 -11.34 -0.62 7.03
C HIS A 139 -10.32 -0.77 5.90
N GLY A 140 -9.94 -2.01 5.59
CA GLY A 140 -9.06 -2.28 4.48
C GLY A 140 -9.67 -1.84 3.16
N ARG A 141 -10.92 -2.24 2.94
CA ARG A 141 -11.67 -1.85 1.75
C ARG A 141 -11.86 -0.34 1.68
N GLU A 142 -12.20 0.26 2.80
CA GLU A 142 -12.38 1.71 2.89
C GLU A 142 -11.12 2.43 2.43
N LEU A 143 -9.98 1.99 2.94
CA LEU A 143 -8.69 2.57 2.61
C LEU A 143 -8.34 2.26 1.15
N PHE A 144 -8.71 1.06 0.71
CA PHE A 144 -8.39 0.59 -0.63
C PHE A 144 -9.19 1.32 -1.70
N GLN A 145 -10.48 1.52 -1.45
CA GLN A 145 -11.35 2.20 -2.41
C GLN A 145 -10.89 3.63 -2.63
N TYR A 146 -10.52 4.30 -1.55
CA TYR A 146 -10.06 5.68 -1.60
C TYR A 146 -8.79 5.81 -2.43
N MSE A 147 -7.87 4.87 -2.24
CA MSE A 147 -6.63 4.84 -3.01
C MSE A 147 -6.91 4.61 -4.49
O MSE A 147 -6.39 5.32 -5.34
CB MSE A 147 -5.70 3.75 -2.46
CG MSE A 147 -4.34 3.67 -3.16
SE MSE A 147 -4.01 1.91 -3.92
CE MSE A 147 -4.76 2.18 -5.67
N LEU A 148 -7.76 3.62 -4.79
CA LEU A 148 -8.17 3.33 -6.17
C LEU A 148 -8.79 4.54 -6.87
N GLN A 149 -9.53 5.33 -6.11
CA GLN A 149 -10.18 6.52 -6.68
C GLN A 149 -9.18 7.64 -6.97
N LYS A 150 -8.28 7.91 -6.02
CA LYS A 150 -7.30 8.99 -6.21
C LYS A 150 -6.24 8.63 -7.26
N GLU A 151 -5.84 7.37 -7.28
CA GLU A 151 -4.84 6.91 -8.25
C GLU A 151 -5.47 6.66 -9.62
N ARG A 152 -6.79 6.61 -9.67
CA ARG A 152 -7.54 6.39 -10.92
C ARG A 152 -7.10 5.11 -11.63
N VAL A 153 -7.15 4.00 -10.93
CA VAL A 153 -6.79 2.70 -11.48
C VAL A 153 -7.81 1.64 -11.11
N GLU A 154 -7.98 0.67 -12.00
CA GLU A 154 -8.77 -0.50 -11.68
C GLU A 154 -7.87 -1.49 -10.96
N PRO A 155 -8.44 -2.33 -10.07
CA PRO A 155 -7.67 -3.28 -9.26
C PRO A 155 -6.81 -4.22 -10.11
N HIS A 156 -7.28 -4.55 -11.32
CA HIS A 156 -6.57 -5.51 -12.17
C HIS A 156 -5.40 -4.92 -12.96
N GLN A 157 -5.09 -3.64 -12.71
CA GLN A 157 -3.92 -3.00 -13.30
C GLN A 157 -2.76 -3.07 -12.33
N LEU A 158 -3.06 -3.49 -11.10
CA LEU A 158 -2.09 -3.45 -10.03
C LEU A 158 -1.18 -4.67 -10.03
N ALA A 159 0.07 -4.45 -9.62
CA ALA A 159 0.98 -5.54 -9.28
C ALA A 159 1.15 -5.48 -7.76
N ILE A 160 1.14 -6.62 -7.09
CA ILE A 160 1.27 -6.61 -5.63
C ILE A 160 2.56 -7.30 -5.15
N ASP A 161 3.31 -6.61 -4.29
CA ASP A 161 4.58 -7.09 -3.76
C ASP A 161 4.34 -8.10 -2.63
N ARG A 162 4.56 -9.38 -2.92
CA ARG A 162 4.32 -10.49 -1.98
C ARG A 162 3.01 -10.38 -1.18
N PRO A 163 1.86 -10.53 -1.86
CA PRO A 163 0.58 -10.47 -1.13
C PRO A 163 0.48 -11.58 -0.08
N SER A 164 0.01 -11.23 1.10
CA SER A 164 -0.24 -12.21 2.14
C SER A 164 -1.48 -13.01 1.79
N GLN A 165 -1.75 -14.07 2.55
CA GLN A 165 -2.95 -14.87 2.33
C GLN A 165 -4.21 -14.04 2.59
N LYS A 166 -4.14 -13.18 3.59
CA LYS A 166 -5.26 -12.28 3.90
C LYS A 166 -5.54 -11.34 2.74
N LEU A 167 -4.49 -10.77 2.15
CA LEU A 167 -4.64 -9.83 1.06
C LEU A 167 -5.22 -10.51 -0.18
N LEU A 168 -4.79 -11.75 -0.43
CA LEU A 168 -5.31 -12.51 -1.57
C LEU A 168 -6.81 -12.80 -1.46
N LYS A 169 -7.26 -13.18 -0.25
CA LYS A 169 -8.69 -13.39 -0.03
C LYS A 169 -9.44 -12.06 -0.07
N PHE A 170 -8.80 -11.03 0.49
CA PHE A 170 -9.31 -9.66 0.47
C PHE A 170 -9.60 -9.21 -0.97
N LEU A 171 -8.59 -9.35 -1.82
CA LEU A 171 -8.70 -8.93 -3.22
C LEU A 171 -9.70 -9.77 -4.01
N ASN A 172 -9.85 -11.04 -3.63
CA ASN A 172 -10.78 -11.93 -4.31
C ASN A 172 -12.23 -11.65 -3.94
N LYS A 173 -12.47 -11.30 -2.68
CA LYS A 173 -13.83 -10.99 -2.25
C LYS A 173 -14.31 -9.67 -2.85
N HIS A 174 -13.51 -8.62 -2.66
CA HIS A 174 -13.91 -7.27 -3.00
C HIS A 174 -13.87 -6.95 -4.50
N TYR A 175 -12.93 -7.58 -5.21
CA TYR A 175 -12.68 -7.22 -6.60
C TYR A 175 -12.59 -8.42 -7.54
N ASN A 176 -12.90 -9.61 -7.00
CA ASN A 176 -12.92 -10.85 -7.79
C ASN A 176 -11.57 -11.14 -8.44
N LEU A 177 -10.50 -10.69 -7.80
CA LEU A 177 -9.15 -10.87 -8.33
C LEU A 177 -8.64 -12.29 -8.07
N GLU A 178 -8.36 -13.02 -9.15
CA GLU A 178 -7.78 -14.34 -9.03
C GLU A 178 -6.47 -14.42 -9.82
N THR A 179 -5.44 -14.95 -9.16
CA THR A 179 -4.06 -14.93 -9.66
C THR A 179 -3.91 -15.41 -11.10
N THR A 180 -3.01 -14.77 -11.85
CA THR A 180 -2.71 -15.21 -13.20
C THR A 180 -1.26 -15.72 -13.27
N VAL A 181 -0.62 -15.58 -14.43
CA VAL A 181 0.77 -16.01 -14.65
C VAL A 181 1.68 -15.74 -13.46
N PRO A 182 2.18 -16.81 -12.83
CA PRO A 182 3.18 -16.71 -11.76
C PRO A 182 4.38 -15.93 -12.26
N GLN A 183 4.91 -15.05 -11.44
CA GLN A 183 6.08 -14.26 -11.81
C GLN A 183 7.33 -14.87 -11.21
N VAL A 184 8.50 -14.43 -11.67
CA VAL A 184 9.76 -14.91 -11.09
C VAL A 184 10.28 -13.87 -10.11
N ASN A 185 9.93 -12.61 -10.34
CA ASN A 185 10.07 -11.60 -9.31
C ASN A 185 9.01 -11.90 -8.25
N ASN A 186 9.05 -11.17 -7.14
CA ASN A 186 8.13 -11.50 -6.06
C ASN A 186 6.83 -10.72 -6.11
N PHE A 187 6.53 -10.18 -7.28
CA PHE A 187 5.26 -9.49 -7.51
C PHE A 187 4.21 -10.46 -8.05
N VAL A 188 2.95 -10.17 -7.73
CA VAL A 188 1.83 -10.99 -8.19
C VAL A 188 0.90 -10.13 -9.02
N ILE A 189 0.50 -10.64 -10.19
CA ILE A 189 -0.49 -9.95 -11.01
C ILE A 189 -1.70 -10.85 -11.24
N PHE A 190 -2.80 -10.26 -11.70
CA PHE A 190 -4.06 -10.98 -11.83
C PHE A 190 -4.59 -11.01 -13.25
N GLU A 191 -5.56 -11.89 -13.48
CA GLU A 191 -6.26 -11.96 -14.76
C GLU A 191 -6.77 -10.58 -15.14
N GLY A 192 -6.28 -10.05 -16.26
CA GLY A 192 -6.67 -8.74 -16.72
C GLY A 192 -5.53 -7.74 -16.77
N PHE A 193 -4.41 -8.07 -16.15
CA PHE A 193 -3.26 -7.15 -16.07
C PHE A 193 -2.75 -6.74 -17.45
N PHE A 194 -2.70 -7.70 -18.37
CA PHE A 194 -2.25 -7.41 -19.72
C PHE A 194 -3.40 -6.79 -20.52
N ALA A 195 -3.56 -5.48 -20.35
CA ALA A 195 -4.63 -4.73 -21.00
C ALA A 195 -4.24 -3.27 -21.02
N HIS A 196 -3.34 -2.90 -20.11
CA HIS A 196 -2.88 -1.52 -20.00
C HIS A 196 -1.40 -1.45 -20.40
N GLN A 197 -0.94 -0.24 -20.74
CA GLN A 197 0.42 -0.05 -21.23
C GLN A 197 1.39 0.20 -20.08
N HIS A 198 0.83 0.58 -18.94
CA HIS A 198 1.59 0.80 -17.71
C HIS A 198 2.71 1.82 -17.83
N ARG A 199 2.34 3.08 -18.05
CA ARG A 199 3.26 4.17 -17.80
C ARG A 199 2.67 5.10 -16.75
N1A ACO B . -8.48 -14.45 7.39
C2A ACO B . -9.00 -14.50 6.16
N3A ACO B . -9.34 -13.42 5.46
C4A ACO B . -9.19 -12.19 5.96
C5A ACO B . -8.62 -12.05 7.32
C6A ACO B . -8.26 -13.28 8.02
N6A ACO B . -7.74 -13.28 9.26
N7A ACO B . -8.60 -10.75 7.55
C8A ACO B . -9.09 -10.10 6.44
N9A ACO B . -9.45 -10.99 5.49
C1B ACO B . -10.04 -10.81 4.13
C2B ACO B . -11.33 -11.59 3.84
O2B ACO B . -11.66 -11.61 2.44
C3B ACO B . -12.36 -10.68 4.43
O3B ACO B . -13.68 -10.94 3.95
P3B ACO B . -14.59 -11.98 4.73
O7A ACO B . -14.55 -11.51 6.17
O8A ACO B . -13.86 -13.29 4.55
O9A ACO B . -15.92 -11.86 4.04
C4B ACO B . -11.84 -9.35 3.95
O4B ACO B . -10.42 -9.45 3.89
C5B ACO B . -12.27 -8.29 4.93
O5B ACO B . -11.94 -7.04 4.37
P1A ACO B . -11.63 -5.87 5.36
O1A ACO B . -12.44 -6.16 6.61
O2A ACO B . -11.69 -4.53 4.65
O3A ACO B . -10.08 -6.20 5.52
P2A ACO B . -9.07 -5.60 6.59
O4A ACO B . -9.00 -6.70 7.61
O5A ACO B . -9.46 -4.22 6.98
O6A ACO B . -7.64 -5.46 5.93
CBP ACO B . -5.52 -6.43 5.23
CCP ACO B . -7.06 -6.56 5.26
CDP ACO B . -4.68 -7.71 5.20
CEP ACO B . -4.87 -5.11 5.65
CAP ACO B . -5.61 -6.69 6.74
OAP ACO B . -6.22 -7.95 6.88
C9P ACO B . -4.25 -6.70 7.43
O9P ACO B . -3.75 -5.66 7.86
N8P ACO B . -3.61 -7.88 7.55
C7P ACO B . -2.32 -8.02 8.19
C6P ACO B . -1.19 -7.53 7.33
C5P ACO B . -1.26 -8.11 5.91
O5P ACO B . -1.51 -9.30 5.70
N4P ACO B . -1.05 -7.21 4.94
C3P ACO B . -1.06 -7.49 3.54
C2P ACO B . 0.33 -8.02 3.28
S1P ACO B . 0.97 -7.73 1.66
C ACO B . 1.12 -6.19 1.07
O ACO B . 1.27 -5.23 1.80
CH3 ACO B . 1.06 -6.06 -0.41
#